data_6B1D
#
_entry.id   6B1D
#
_cell.length_a   173.938
_cell.length_b   52.000
_cell.length_c   55.620
_cell.angle_alpha   90.00
_cell.angle_beta   97.71
_cell.angle_gamma   90.00
#
_symmetry.space_group_name_H-M   'C 1 2 1'
#
loop_
_entity.id
_entity.type
_entity.pdbx_description
1 polymer 'Ara h 8 allergen'
2 non-polymer "3,5,7,3',4'-PENTAHYDROXYFLAVONE"
3 non-polymer beta-D-glucopyranose
4 water water
#
_entity_poly.entity_id   1
_entity_poly.type   'polypeptide(L)'
_entity_poly.pdbx_seq_one_letter_code
;GVFTFEDEITSTVPPAKLYNAMKDADSITPKIIDDVKSVEIVEGNGGPGTIKKLTIVEDGETKFILHKVESIDEANYAYN
YSVVGGVALPPTAEKITFETKLVEGPNGGSIGKLTLKYHTKGDAKPDEEELKKGKAKGEGLFRAIEGYVLANPTQY
;
_entity_poly.pdbx_strand_id   A,B,C
#
loop_
_chem_comp.id
_chem_comp.type
_chem_comp.name
_chem_comp.formula
BGC D-saccharide, beta linking beta-D-glucopyranose 'C6 H12 O6'
QUE non-polymer 3,5,7,3',4'-PENTAHYDROXYFLAVONE 'C15 H10 O7'
#
# COMPACT_ATOMS: atom_id res chain seq x y z
N GLY A 1 43.52 -7.51 22.45
CA GLY A 1 43.28 -6.15 23.00
C GLY A 1 41.82 -5.82 22.93
N VAL A 2 41.46 -4.67 23.49
CA VAL A 2 40.07 -4.18 23.42
C VAL A 2 40.10 -2.72 23.03
N PHE A 3 39.28 -2.40 22.03
CA PHE A 3 39.15 -1.03 21.55
C PHE A 3 37.72 -0.63 21.79
N THR A 4 37.54 0.53 22.38
CA THR A 4 36.20 0.98 22.75
C THR A 4 35.78 2.24 22.00
N PHE A 5 34.51 2.27 21.58
CA PHE A 5 33.89 3.42 20.93
C PHE A 5 32.53 3.71 21.56
N GLU A 6 32.20 5.01 21.60
CA GLU A 6 30.96 5.51 22.17
C GLU A 6 30.20 6.30 21.12
N ASP A 7 28.90 6.05 21.04
CA ASP A 7 28.06 6.79 20.11
C ASP A 7 26.71 6.99 20.73
N GLU A 8 26.03 8.00 20.25
CA GLU A 8 24.66 8.26 20.67
C GLU A 8 23.78 8.60 19.47
N ILE A 9 22.53 8.19 19.55
CA ILE A 9 21.53 8.50 18.50
C ILE A 9 20.23 8.92 19.18
N THR A 10 19.49 9.84 18.55
CA THR A 10 18.28 10.38 19.16
C THR A 10 17.02 9.94 18.42
N SER A 11 15.92 9.92 19.18
CA SER A 11 14.63 9.57 18.65
C SER A 11 13.47 10.21 19.38
N THR A 12 12.42 10.38 18.62
CA THR A 12 11.14 10.95 19.05
C THR A 12 10.40 9.95 19.94
N VAL A 13 10.70 8.67 19.75
CA VAL A 13 9.94 7.61 20.40
C VAL A 13 10.37 7.47 21.88
N PRO A 14 9.40 7.39 22.82
CA PRO A 14 9.79 7.22 24.24
C PRO A 14 10.49 5.88 24.45
N PRO A 15 11.38 5.79 25.47
CA PRO A 15 12.25 4.61 25.56
C PRO A 15 11.55 3.28 25.78
N ALA A 16 10.48 3.28 26.58
CA ALA A 16 9.72 2.05 26.85
C ALA A 16 9.16 1.44 25.56
N LYS A 17 8.52 2.25 24.74
CA LYS A 17 8.01 1.77 23.43
C LYS A 17 9.12 1.24 22.52
N LEU A 18 10.15 2.06 22.36
CA LEU A 18 11.30 1.70 21.52
C LEU A 18 11.95 0.40 21.99
N TYR A 19 12.08 0.27 23.31
CA TYR A 19 12.66 -0.92 23.91
C TYR A 19 11.80 -2.16 23.65
N ASN A 20 10.47 -2.03 23.75
CA ASN A 20 9.54 -3.12 23.39
C ASN A 20 9.65 -3.50 21.92
N ALA A 21 9.73 -2.48 21.06
CA ALA A 21 9.96 -2.69 19.63
C ALA A 21 11.29 -3.41 19.37
N MET A 22 12.33 -3.06 20.11
CA MET A 22 13.64 -3.74 19.98
C MET A 22 13.58 -5.23 20.34
N LYS A 23 12.68 -5.61 21.25
CA LYS A 23 12.44 -7.05 21.54
C LYS A 23 11.87 -7.82 20.33
N ASP A 24 11.17 -7.13 19.46
CA ASP A 24 10.56 -7.69 18.27
C ASP A 24 11.45 -7.56 16.99
N ALA A 25 12.68 -7.13 17.18
CA ALA A 25 13.62 -6.84 16.08
C ALA A 25 13.74 -7.97 15.06
N ASP A 26 13.74 -9.20 15.56
CA ASP A 26 13.85 -10.40 14.74
C ASP A 26 12.79 -10.47 13.64
N SER A 27 11.57 -10.06 13.94
CA SER A 27 10.51 -10.01 12.92
C SER A 27 10.45 -8.65 12.16
N ILE A 28 10.83 -7.57 12.82
CA ILE A 28 10.78 -6.21 12.23
C ILE A 28 11.84 -6.03 11.13
N THR A 29 13.06 -6.45 11.43
CA THR A 29 14.21 -6.21 10.56
C THR A 29 14.08 -6.74 9.15
N PRO A 30 13.67 -8.01 8.96
CA PRO A 30 13.48 -8.48 7.59
C PRO A 30 12.38 -7.78 6.84
N LYS A 31 11.42 -7.20 7.54
CA LYS A 31 10.36 -6.42 6.88
C LYS A 31 10.91 -5.12 6.26
N ILE A 32 11.65 -4.36 7.06
CA ILE A 32 12.10 -3.02 6.67
C ILE A 32 13.38 -2.98 5.84
N ILE A 33 14.36 -3.80 6.22
CA ILE A 33 15.68 -3.77 5.58
C ILE A 33 15.77 -4.80 4.47
N ASP A 34 15.90 -4.33 3.22
CA ASP A 34 15.89 -5.21 2.04
C ASP A 34 16.94 -6.32 2.08
N ASP A 35 18.15 -5.98 2.50
CA ASP A 35 19.25 -6.95 2.52
C ASP A 35 19.04 -8.08 3.56
N VAL A 36 18.33 -7.78 4.62
CA VAL A 36 18.05 -8.80 5.64
C VAL A 36 16.95 -9.73 5.15
N LYS A 37 17.29 -10.99 4.89
CA LYS A 37 16.34 -12.01 4.46
C LYS A 37 15.64 -12.68 5.65
N SER A 38 16.39 -13.00 6.69
CA SER A 38 15.84 -13.71 7.85
C SER A 38 16.72 -13.61 9.08
N VAL A 39 16.05 -13.77 10.22
CA VAL A 39 16.70 -13.91 11.53
C VAL A 39 16.16 -15.15 12.19
N GLU A 40 17.05 -16.12 12.38
CA GLU A 40 16.70 -17.42 12.99
C GLU A 40 17.40 -17.54 14.36
N ILE A 41 16.69 -18.12 15.33
CA ILE A 41 17.30 -18.51 16.60
C ILE A 41 17.86 -19.91 16.41
N VAL A 42 19.18 -20.04 16.54
CA VAL A 42 19.91 -21.31 16.41
C VAL A 42 19.87 -22.08 17.73
N GLU A 43 20.12 -21.35 18.82
CA GLU A 43 20.23 -21.88 20.16
C GLU A 43 19.67 -20.87 21.18
N GLY A 44 18.86 -21.34 22.13
CA GLY A 44 18.42 -20.51 23.26
C GLY A 44 17.02 -19.93 23.17
N ASN A 45 16.67 -19.14 24.18
CA ASN A 45 15.27 -18.74 24.46
C ASN A 45 14.93 -17.26 24.19
N GLY A 46 15.90 -16.56 23.61
CA GLY A 46 15.91 -15.09 23.50
C GLY A 46 16.80 -14.43 24.54
N GLY A 47 16.93 -15.06 25.70
CA GLY A 47 17.74 -14.51 26.77
C GLY A 47 19.23 -14.70 26.54
N PRO A 48 20.07 -14.29 27.52
CA PRO A 48 21.54 -14.37 27.45
C PRO A 48 22.02 -15.72 26.97
N GLY A 49 23.06 -15.73 26.14
CA GLY A 49 23.54 -16.97 25.52
C GLY A 49 22.82 -17.40 24.24
N THR A 50 21.75 -16.71 23.88
CA THR A 50 21.00 -17.01 22.65
C THR A 50 21.84 -16.68 21.43
N ILE A 51 21.85 -17.60 20.48
CA ILE A 51 22.67 -17.51 19.27
C ILE A 51 21.72 -17.38 18.10
N LYS A 52 21.79 -16.20 17.50
CA LYS A 52 21.01 -15.86 16.30
C LYS A 52 21.87 -15.84 15.04
N LYS A 53 21.22 -16.25 13.96
CA LYS A 53 21.79 -16.29 12.61
C LYS A 53 20.97 -15.33 11.76
N LEU A 54 21.63 -14.27 11.29
CA LEU A 54 21.07 -13.33 10.36
C LEU A 54 21.47 -13.72 8.97
N THR A 55 20.50 -13.77 8.07
CA THR A 55 20.80 -14.10 6.69
C THR A 55 20.69 -12.83 5.86
N ILE A 56 21.80 -12.47 5.25
CA ILE A 56 21.90 -11.25 4.44
C ILE A 56 22.22 -11.59 2.98
N VAL A 57 21.69 -10.75 2.10
CA VAL A 57 22.02 -10.79 0.68
C VAL A 57 22.67 -9.47 0.35
N GLU A 58 23.93 -9.53 -0.07
CA GLU A 58 24.73 -8.38 -0.49
C GLU A 58 25.40 -8.69 -1.82
N ASP A 59 25.20 -7.84 -2.83
CA ASP A 59 25.75 -8.07 -4.21
C ASP A 59 25.28 -9.42 -4.80
N GLY A 60 24.00 -9.73 -4.58
CA GLY A 60 23.41 -11.02 -4.97
C GLY A 60 23.93 -12.27 -4.25
N GLU A 61 24.73 -12.10 -3.20
CA GLU A 61 25.36 -13.25 -2.50
C GLU A 61 24.86 -13.38 -1.05
N THR A 62 24.47 -14.60 -0.68
CA THR A 62 23.92 -14.88 0.64
C THR A 62 25.05 -15.09 1.65
N LYS A 63 24.94 -14.38 2.75
CA LYS A 63 25.92 -14.38 3.80
C LYS A 63 25.20 -14.41 5.12
N PHE A 64 25.94 -14.77 6.13
CA PHE A 64 25.36 -15.02 7.45
C PHE A 64 26.08 -14.14 8.43
N ILE A 65 25.32 -13.58 9.36
CA ILE A 65 25.90 -12.89 10.51
C ILE A 65 25.43 -13.61 11.78
N LEU A 66 26.36 -13.85 12.69
CA LEU A 66 26.05 -14.50 13.96
C LEU A 66 26.10 -13.57 15.13
N HIS A 67 25.01 -13.57 15.88
CA HIS A 67 24.85 -12.76 17.07
C HIS A 67 24.71 -13.63 18.29
N LYS A 68 25.31 -13.17 19.37
CA LYS A 68 25.16 -13.81 20.66
C LYS A 68 24.63 -12.76 21.64
N VAL A 69 23.51 -13.06 22.28
CA VAL A 69 22.99 -12.17 23.32
C VAL A 69 23.85 -12.34 24.59
N GLU A 70 24.37 -11.23 25.13
CA GLU A 70 25.26 -11.26 26.31
C GLU A 70 24.49 -11.07 27.63
N SER A 71 23.67 -10.04 27.67
CA SER A 71 22.86 -9.74 28.85
C SER A 71 21.66 -8.87 28.48
N ILE A 72 20.68 -8.84 29.38
CA ILE A 72 19.46 -8.07 29.20
C ILE A 72 19.20 -7.37 30.54
N ASP A 73 18.81 -6.11 30.52
CA ASP A 73 18.32 -5.47 31.73
C ASP A 73 17.13 -4.59 31.37
N GLU A 74 15.95 -5.18 31.44
CA GLU A 74 14.68 -4.56 31.05
C GLU A 74 14.35 -3.25 31.80
N ALA A 75 14.63 -3.21 33.10
CA ALA A 75 14.34 -2.01 33.93
C ALA A 75 15.09 -0.78 33.42
N ASN A 76 16.31 -0.98 32.94
CA ASN A 76 17.16 0.10 32.43
C ASN A 76 17.25 0.16 30.91
N TYR A 77 16.27 -0.44 30.22
CA TYR A 77 16.19 -0.42 28.72
C TYR A 77 17.54 -0.80 28.13
N ALA A 78 18.12 -1.91 28.60
CA ALA A 78 19.52 -2.25 28.31
C ALA A 78 19.62 -3.65 27.73
N TYR A 79 20.49 -3.76 26.74
CA TYR A 79 20.54 -4.95 25.91
C TYR A 79 21.97 -5.04 25.39
N ASN A 80 22.67 -6.10 25.75
CA ASN A 80 24.04 -6.31 25.29
C ASN A 80 24.14 -7.55 24.40
N TYR A 81 24.72 -7.37 23.21
CA TYR A 81 24.95 -8.49 22.30
C TYR A 81 26.25 -8.37 21.52
N SER A 82 26.66 -9.49 20.97
CA SER A 82 27.93 -9.61 20.25
C SER A 82 27.78 -10.19 18.86
N VAL A 83 28.52 -9.62 17.92
CA VAL A 83 28.78 -10.27 16.64
C VAL A 83 29.84 -11.29 16.98
N VAL A 84 29.55 -12.57 16.75
CA VAL A 84 30.50 -13.65 17.04
C VAL A 84 30.85 -14.52 15.84
N GLY A 85 30.31 -14.19 14.67
CA GLY A 85 30.77 -14.79 13.42
C GLY A 85 30.08 -14.26 12.20
N GLY A 86 30.55 -14.75 11.08
CA GLY A 86 29.99 -14.39 9.78
C GLY A 86 30.69 -13.18 9.20
N VAL A 87 30.05 -12.54 8.25
CA VAL A 87 30.71 -11.51 7.44
C VAL A 87 30.99 -10.22 8.19
N ALA A 88 30.20 -9.94 9.23
CA ALA A 88 30.40 -8.72 10.04
C ALA A 88 31.53 -8.83 11.02
N LEU A 89 32.12 -10.01 11.17
CA LEU A 89 33.25 -10.20 12.07
C LEU A 89 34.51 -10.23 11.25
N PRO A 90 35.27 -9.12 11.26
CA PRO A 90 36.53 -9.16 10.54
C PRO A 90 37.44 -10.28 11.05
N PRO A 91 38.38 -10.73 10.22
CA PRO A 91 39.20 -11.92 10.56
C PRO A 91 40.16 -11.73 11.75
N THR A 92 40.59 -10.50 11.97
CA THR A 92 41.40 -10.12 13.14
C THR A 92 40.58 -9.73 14.40
N ALA A 93 39.27 -9.93 14.34
CA ALA A 93 38.39 -9.69 15.50
C ALA A 93 37.95 -11.00 16.16
N GLU A 94 38.03 -11.05 17.48
CA GLU A 94 37.48 -12.19 18.26
C GLU A 94 35.98 -12.03 18.30
N LYS A 95 35.57 -10.85 18.70
CA LYS A 95 34.16 -10.49 18.73
C LYS A 95 34.04 -9.00 18.89
N ILE A 96 32.84 -8.52 18.58
CA ILE A 96 32.52 -7.10 18.65
C ILE A 96 31.23 -7.01 19.47
N THR A 97 31.31 -6.31 20.59
CA THR A 97 30.20 -6.26 21.56
C THR A 97 29.49 -4.94 21.41
N PHE A 98 28.17 -4.98 21.30
CA PHE A 98 27.34 -3.76 21.35
C PHE A 98 26.63 -3.75 22.70
N GLU A 99 26.95 -2.74 23.49
CA GLU A 99 26.29 -2.48 24.77
C GLU A 99 25.29 -1.36 24.53
N THR A 100 24.01 -1.63 24.82
CA THR A 100 22.93 -0.67 24.47
C THR A 100 22.15 -0.23 25.69
N LYS A 101 21.84 1.06 25.70
CA LYS A 101 20.99 1.65 26.73
C LYS A 101 20.13 2.71 26.06
N LEU A 102 18.86 2.75 26.41
CA LEU A 102 18.00 3.89 26.07
C LEU A 102 17.68 4.61 27.35
N VAL A 103 17.75 5.94 27.28
CA VAL A 103 17.42 6.81 28.38
C VAL A 103 16.42 7.81 27.81
N GLU A 104 15.63 8.40 28.70
CA GLU A 104 14.65 9.42 28.27
C GLU A 104 15.43 10.62 27.79
N GLY A 105 15.06 11.13 26.63
CA GLY A 105 15.65 12.36 26.11
C GLY A 105 15.03 13.58 26.80
N PRO A 106 15.48 14.80 26.44
CA PRO A 106 14.63 15.95 26.71
C PRO A 106 13.47 15.84 25.72
N ASN A 107 12.25 16.15 26.16
CA ASN A 107 11.03 16.22 25.30
C ASN A 107 10.26 14.88 25.22
N GLY A 108 10.64 13.89 26.03
CA GLY A 108 9.98 12.58 26.05
C GLY A 108 10.22 11.75 24.80
N GLY A 109 11.42 11.87 24.23
CA GLY A 109 11.92 10.89 23.28
C GLY A 109 12.94 10.02 23.98
N SER A 110 13.84 9.44 23.19
CA SER A 110 14.95 8.66 23.71
C SER A 110 16.26 9.17 23.18
N ILE A 111 17.27 8.91 24.00
CA ILE A 111 18.63 8.91 23.55
C ILE A 111 19.11 7.47 23.68
N GLY A 112 19.45 6.88 22.55
CA GLY A 112 20.11 5.57 22.49
C GLY A 112 21.61 5.77 22.57
N LYS A 113 22.21 5.11 23.57
CA LYS A 113 23.64 5.17 23.84
C LYS A 113 24.22 3.82 23.48
N LEU A 114 25.28 3.85 22.69
CA LEU A 114 25.99 2.64 22.29
C LEU A 114 27.42 2.67 22.83
N THR A 115 27.83 1.55 23.44
CA THR A 115 29.24 1.32 23.73
C THR A 115 29.67 0.13 22.93
N LEU A 116 30.73 0.32 22.15
CA LEU A 116 31.20 -0.68 21.22
C LEU A 116 32.54 -1.18 21.68
N LYS A 117 32.64 -2.47 21.94
CA LYS A 117 33.90 -3.06 22.38
C LYS A 117 34.40 -4.02 21.33
N TYR A 118 35.45 -3.60 20.66
CA TYR A 118 36.05 -4.39 19.60
C TYR A 118 37.19 -5.21 20.21
N HIS A 119 36.97 -6.52 20.31
CA HIS A 119 37.95 -7.43 20.94
C HIS A 119 38.84 -8.04 19.88
N THR A 120 40.13 -7.67 19.86
CA THR A 120 41.09 -8.20 18.86
C THR A 120 41.86 -9.43 19.33
N LYS A 121 42.19 -10.28 18.36
CA LYS A 121 43.09 -11.43 18.59
C LYS A 121 44.54 -10.95 18.85
N GLY A 122 44.93 -10.91 20.13
CA GLY A 122 46.28 -10.53 20.56
C GLY A 122 46.71 -9.10 20.23
N ASP A 123 47.67 -8.99 19.31
CA ASP A 123 48.29 -7.70 18.92
C ASP A 123 47.55 -6.96 17.78
N ALA A 124 46.57 -7.61 17.20
CA ALA A 124 45.82 -7.06 16.06
C ALA A 124 45.00 -5.79 16.39
N LYS A 125 44.79 -4.97 15.37
CA LYS A 125 44.06 -3.71 15.51
C LYS A 125 42.82 -3.73 14.64
N PRO A 126 41.78 -2.97 15.05
CA PRO A 126 40.56 -2.92 14.27
C PRO A 126 40.74 -2.14 12.97
N ASP A 127 40.17 -2.71 11.91
CA ASP A 127 39.98 -2.13 10.56
C ASP A 127 39.06 -0.89 10.50
N GLU A 128 39.58 0.27 10.11
CA GLU A 128 38.74 1.49 10.06
C GLU A 128 37.54 1.30 9.10
N GLU A 129 37.79 0.69 7.95
CA GLU A 129 36.72 0.38 6.97
C GLU A 129 35.53 -0.40 7.57
N GLU A 130 35.83 -1.48 8.26
CA GLU A 130 34.78 -2.33 8.83
C GLU A 130 33.97 -1.60 9.91
N LEU A 131 34.65 -0.76 10.68
CA LEU A 131 33.98 0.08 11.67
C LEU A 131 32.98 1.00 11.01
N LYS A 132 33.39 1.62 9.91
CA LYS A 132 32.49 2.50 9.16
C LYS A 132 31.25 1.72 8.73
N LYS A 133 31.47 0.54 8.15
CA LYS A 133 30.40 -0.40 7.73
C LYS A 133 29.46 -0.85 8.88
N GLY A 134 30.04 -1.37 9.96
CA GLY A 134 29.31 -1.72 11.17
C GLY A 134 28.49 -0.53 11.70
N LYS A 135 29.08 0.67 11.76
CA LYS A 135 28.35 1.85 12.31
C LYS A 135 27.14 2.25 11.47
N ALA A 136 27.29 2.17 10.15
CA ALA A 136 26.20 2.51 9.22
C ALA A 136 25.06 1.48 9.30
N LYS A 137 25.43 0.20 9.39
CA LYS A 137 24.45 -0.89 9.46
C LYS A 137 23.72 -0.88 10.83
N GLY A 138 24.47 -0.63 11.90
CA GLY A 138 23.92 -0.49 13.27
C GLY A 138 22.92 0.65 13.37
N GLU A 139 23.30 1.82 12.87
CA GLU A 139 22.44 3.00 12.89
C GLU A 139 21.16 2.82 12.07
N GLY A 140 21.30 2.18 10.91
CA GLY A 140 20.15 1.77 10.09
C GLY A 140 19.19 0.82 10.81
N LEU A 141 19.76 -0.08 11.60
CA LEU A 141 18.97 -1.05 12.36
C LEU A 141 18.10 -0.33 13.38
N PHE A 142 18.72 0.56 14.14
CA PHE A 142 18.00 1.45 15.05
C PHE A 142 16.87 2.21 14.34
N ARG A 143 17.18 2.75 13.16
CA ARG A 143 16.20 3.45 12.34
C ARG A 143 15.08 2.54 11.87
N ALA A 144 15.40 1.29 11.58
CA ALA A 144 14.38 0.31 11.14
C ALA A 144 13.35 0.02 12.23
N ILE A 145 13.82 -0.14 13.46
CA ILE A 145 12.95 -0.36 14.62
C ILE A 145 12.17 0.94 14.93
N GLU A 146 12.86 2.06 14.81
CA GLU A 146 12.22 3.36 15.02
C GLU A 146 11.16 3.66 13.95
N GLY A 147 11.53 3.46 12.70
CA GLY A 147 10.67 3.78 11.55
C GLY A 147 9.43 2.93 11.69
N TYR A 148 9.67 1.72 12.17
CA TYR A 148 8.60 0.75 12.33
C TYR A 148 7.58 1.22 13.35
N VAL A 149 8.07 1.61 14.51
CA VAL A 149 7.22 2.05 15.60
C VAL A 149 6.47 3.28 15.15
N LEU A 150 7.22 4.21 14.56
CA LEU A 150 6.64 5.47 14.05
C LEU A 150 5.56 5.21 12.99
N ALA A 151 5.78 4.21 12.16
CA ALA A 151 4.83 3.84 11.08
C ALA A 151 3.67 2.95 11.53
N ASN A 152 3.82 2.29 12.67
CA ASN A 152 2.72 1.51 13.31
C ASN A 152 2.42 2.01 14.75
N PRO A 153 1.74 3.17 14.88
CA PRO A 153 1.58 3.79 16.22
C PRO A 153 0.84 2.96 17.29
N THR A 154 -0.15 2.17 16.84
CA THR A 154 -1.06 1.44 17.74
C THR A 154 -0.42 0.21 18.40
N GLN A 155 0.62 -0.31 17.76
CA GLN A 155 1.20 -1.61 18.11
C GLN A 155 2.11 -1.56 19.33
N TYR A 156 2.73 -0.40 19.57
CA TYR A 156 3.52 -0.15 20.78
C TYR A 156 3.00 1.12 21.47
N GLY B 1 -4.76 -16.62 -11.83
CA GLY B 1 -5.36 -17.65 -12.76
C GLY B 1 -6.56 -17.06 -13.46
N VAL B 2 -7.02 -17.72 -14.51
CA VAL B 2 -8.20 -17.29 -15.23
C VAL B 2 -9.13 -18.47 -15.47
N PHE B 3 -10.41 -18.24 -15.16
CA PHE B 3 -11.45 -19.19 -15.44
C PHE B 3 -12.42 -18.55 -16.41
N THR B 4 -12.73 -19.26 -17.48
CA THR B 4 -13.54 -18.72 -18.55
C THR B 4 -14.79 -19.53 -18.83
N PHE B 5 -15.86 -18.79 -19.05
CA PHE B 5 -17.13 -19.34 -19.52
C PHE B 5 -17.60 -18.54 -20.68
N GLU B 6 -17.95 -19.25 -21.75
CA GLU B 6 -18.48 -18.65 -22.99
C GLU B 6 -19.85 -19.23 -23.27
N ASP B 7 -20.78 -18.36 -23.65
CA ASP B 7 -22.14 -18.75 -23.97
C ASP B 7 -22.71 -17.85 -25.08
N GLU B 8 -23.73 -18.34 -25.80
CA GLU B 8 -24.42 -17.53 -26.84
C GLU B 8 -25.66 -17.12 -26.16
N ILE B 9 -26.18 -15.98 -26.57
CA ILE B 9 -27.46 -15.51 -26.11
C ILE B 9 -28.10 -14.86 -27.33
N THR B 10 -29.42 -14.80 -27.31
CA THR B 10 -30.21 -14.25 -28.41
C THR B 10 -31.10 -13.10 -27.94
N SER B 11 -31.47 -12.26 -28.90
CA SER B 11 -32.39 -11.18 -28.67
C SER B 11 -33.13 -10.75 -29.91
N THR B 12 -34.31 -10.22 -29.65
CA THR B 12 -35.18 -9.64 -30.66
C THR B 12 -34.64 -8.30 -31.17
N VAL B 13 -33.86 -7.63 -30.33
CA VAL B 13 -33.33 -6.31 -30.65
C VAL B 13 -32.19 -6.36 -31.66
N PRO B 14 -32.22 -5.49 -32.66
CA PRO B 14 -31.10 -5.45 -33.65
C PRO B 14 -29.78 -5.01 -32.98
N PRO B 15 -28.64 -5.46 -33.47
CA PRO B 15 -27.38 -5.25 -32.75
C PRO B 15 -26.95 -3.82 -32.56
N ALA B 16 -27.16 -2.95 -33.55
CA ALA B 16 -26.78 -1.54 -33.43
C ALA B 16 -27.51 -0.89 -32.27
N LYS B 17 -28.81 -1.06 -32.19
CA LYS B 17 -29.57 -0.51 -31.05
C LYS B 17 -29.10 -1.04 -29.67
N LEU B 18 -28.96 -2.34 -29.57
CA LEU B 18 -28.52 -3.00 -28.34
C LEU B 18 -27.15 -2.54 -27.88
N TYR B 19 -26.27 -2.40 -28.84
CA TYR B 19 -24.96 -1.92 -28.53
C TYR B 19 -24.95 -0.43 -28.08
N ASN B 20 -25.76 0.40 -28.74
CA ASN B 20 -25.88 1.85 -28.35
C ASN B 20 -26.41 1.97 -26.95
N ALA B 21 -27.34 1.08 -26.66
CA ALA B 21 -27.94 1.03 -25.34
C ALA B 21 -26.91 0.70 -24.29
N MET B 22 -26.01 -0.22 -24.62
CA MET B 22 -24.94 -0.58 -23.65
C MET B 22 -24.00 0.59 -23.34
N LYS B 23 -23.74 1.44 -24.34
CA LYS B 23 -22.87 2.63 -24.12
C LYS B 23 -23.55 3.68 -23.22
N ASP B 24 -24.88 3.71 -23.24
CA ASP B 24 -25.67 4.59 -22.38
C ASP B 24 -26.09 3.92 -21.02
N ALA B 25 -25.47 2.81 -20.67
CA ALA B 25 -25.78 2.09 -19.41
C ALA B 25 -25.81 2.97 -18.16
N ASP B 26 -24.88 3.91 -18.10
CA ASP B 26 -24.74 4.84 -16.99
C ASP B 26 -26.01 5.61 -16.63
N SER B 27 -26.72 6.07 -17.65
CA SER B 27 -28.00 6.73 -17.44
C SER B 27 -29.20 5.72 -17.36
N ILE B 28 -29.10 4.57 -18.04
CA ILE B 28 -30.17 3.58 -18.10
C ILE B 28 -30.36 2.89 -16.74
N THR B 29 -29.24 2.44 -16.19
CA THR B 29 -29.25 1.60 -15.01
C THR B 29 -29.95 2.20 -13.80
N PRO B 30 -29.64 3.47 -13.41
CA PRO B 30 -30.37 4.05 -12.28
C PRO B 30 -31.83 4.27 -12.55
N LYS B 31 -32.24 4.34 -13.81
CA LYS B 31 -33.67 4.40 -14.15
C LYS B 31 -34.43 3.08 -13.84
N ILE B 32 -33.89 1.98 -14.34
CA ILE B 32 -34.59 0.69 -14.26
C ILE B 32 -34.37 -0.06 -12.97
N ILE B 33 -33.13 -0.09 -12.49
CA ILE B 33 -32.76 -0.87 -11.32
C ILE B 33 -32.87 -0.02 -10.06
N ASP B 34 -33.87 -0.30 -9.22
CA ASP B 34 -34.09 0.52 -8.01
C ASP B 34 -32.89 0.68 -7.11
N ASP B 35 -32.16 -0.39 -6.92
CA ASP B 35 -31.06 -0.40 -5.97
C ASP B 35 -29.88 0.45 -6.46
N VAL B 36 -29.79 0.65 -7.77
CA VAL B 36 -28.76 1.50 -8.33
C VAL B 36 -29.16 2.95 -8.18
N LYS B 37 -28.49 3.63 -7.26
CA LYS B 37 -28.72 5.06 -7.00
C LYS B 37 -28.02 5.94 -8.01
N SER B 38 -26.76 5.62 -8.30
CA SER B 38 -25.98 6.46 -9.20
C SER B 38 -24.81 5.73 -9.76
N VAL B 39 -24.43 6.21 -10.93
CA VAL B 39 -23.18 5.83 -11.59
C VAL B 39 -22.35 7.10 -11.82
N GLU B 40 -21.19 7.16 -11.16
CA GLU B 40 -20.27 8.28 -11.24
C GLU B 40 -18.99 7.82 -12.00
N ILE B 41 -18.47 8.69 -12.85
CA ILE B 41 -17.20 8.46 -13.49
C ILE B 41 -16.08 9.04 -12.59
N VAL B 42 -15.19 8.16 -12.12
CA VAL B 42 -14.08 8.50 -11.26
C VAL B 42 -12.85 8.94 -12.09
N GLU B 43 -12.65 8.24 -13.20
CA GLU B 43 -11.62 8.54 -14.17
C GLU B 43 -12.00 8.14 -15.64
N GLY B 44 -11.63 8.98 -16.60
CA GLY B 44 -11.90 8.73 -18.01
C GLY B 44 -13.15 9.39 -18.57
N ASN B 45 -13.51 9.04 -19.81
CA ASN B 45 -14.42 9.82 -20.65
C ASN B 45 -15.64 9.09 -21.18
N GLY B 46 -15.86 7.91 -20.59
CA GLY B 46 -16.88 6.98 -21.03
C GLY B 46 -16.30 5.93 -21.96
N GLY B 47 -15.14 6.17 -22.54
CA GLY B 47 -14.55 5.13 -23.36
C GLY B 47 -13.71 4.14 -22.55
N PRO B 48 -12.92 3.33 -23.24
CA PRO B 48 -12.03 2.38 -22.61
C PRO B 48 -11.17 3.01 -21.59
N GLY B 49 -10.87 2.30 -20.53
CA GLY B 49 -10.07 2.85 -19.41
C GLY B 49 -10.89 3.56 -18.35
N THR B 50 -12.18 3.76 -18.61
CA THR B 50 -13.01 4.48 -17.73
C THR B 50 -13.34 3.67 -16.45
N ILE B 51 -13.27 4.37 -15.31
CA ILE B 51 -13.43 3.78 -14.00
C ILE B 51 -14.68 4.42 -13.43
N LYS B 52 -15.71 3.57 -13.31
CA LYS B 52 -16.99 3.97 -12.74
C LYS B 52 -17.22 3.40 -11.32
N LYS B 53 -17.91 4.19 -10.53
CA LYS B 53 -18.33 3.89 -9.14
C LYS B 53 -19.85 3.82 -9.19
N LEU B 54 -20.40 2.63 -8.93
CA LEU B 54 -21.85 2.42 -8.81
C LEU B 54 -22.23 2.50 -7.37
N THR B 55 -23.22 3.31 -7.08
CA THR B 55 -23.69 3.43 -5.72
C THR B 55 -25.00 2.67 -5.60
N ILE B 56 -24.98 1.71 -4.69
CA ILE B 56 -26.02 0.72 -4.49
C ILE B 56 -26.62 0.90 -3.07
N VAL B 57 -27.93 0.71 -2.97
CA VAL B 57 -28.63 0.61 -1.66
C VAL B 57 -29.29 -0.75 -1.57
N GLU B 58 -28.85 -1.56 -0.61
CA GLU B 58 -29.54 -2.84 -0.35
C GLU B 58 -29.57 -3.16 1.16
N ASP B 59 -30.74 -3.58 1.61
CA ASP B 59 -31.11 -3.65 3.04
C ASP B 59 -31.01 -2.25 3.71
N GLY B 60 -31.43 -1.21 2.99
CA GLY B 60 -31.29 0.19 3.47
C GLY B 60 -29.87 0.72 3.63
N GLU B 61 -28.88 -0.02 3.14
CA GLU B 61 -27.45 0.29 3.34
C GLU B 61 -26.72 0.62 2.04
N THR B 62 -26.00 1.74 2.05
CA THR B 62 -25.26 2.23 0.86
C THR B 62 -23.96 1.47 0.70
N LYS B 63 -23.77 0.96 -0.50
CA LYS B 63 -22.56 0.23 -0.90
C LYS B 63 -22.10 0.64 -2.31
N PHE B 64 -20.90 0.21 -2.69
CA PHE B 64 -20.24 0.69 -3.91
C PHE B 64 -19.79 -0.50 -4.73
N ILE B 65 -19.98 -0.41 -6.03
CA ILE B 65 -19.40 -1.34 -6.99
C ILE B 65 -18.48 -0.56 -7.92
N LEU B 66 -17.31 -1.11 -8.21
CA LEU B 66 -16.39 -0.50 -9.16
C LEU B 66 -16.31 -1.25 -10.47
N HIS B 67 -16.49 -0.51 -11.55
CA HIS B 67 -16.34 -1.00 -12.92
C HIS B 67 -15.19 -0.35 -13.67
N LYS B 68 -14.56 -1.14 -14.52
CA LYS B 68 -13.56 -0.64 -15.46
C LYS B 68 -13.92 -1.04 -16.85
N VAL B 69 -14.06 -0.07 -17.75
CA VAL B 69 -14.34 -0.38 -19.14
C VAL B 69 -13.02 -0.84 -19.76
N GLU B 70 -13.02 -2.02 -20.34
CA GLU B 70 -11.78 -2.59 -20.90
C GLU B 70 -11.54 -2.23 -22.37
N SER B 71 -12.59 -2.37 -23.15
CA SER B 71 -12.55 -2.06 -24.60
C SER B 71 -13.92 -1.82 -25.14
N ILE B 72 -13.97 -1.12 -26.24
CA ILE B 72 -15.22 -0.74 -26.91
C ILE B 72 -14.95 -0.84 -28.36
N ASP B 73 -15.61 -1.72 -29.07
CA ASP B 73 -15.33 -1.93 -30.52
C ASP B 73 -16.61 -1.92 -31.34
N GLU B 74 -16.86 -0.80 -31.99
CA GLU B 74 -18.11 -0.60 -32.72
C GLU B 74 -18.32 -1.54 -33.88
N ALA B 75 -17.25 -1.86 -34.62
CA ALA B 75 -17.38 -2.71 -35.83
C ALA B 75 -17.96 -4.08 -35.48
N ASN B 76 -17.61 -4.57 -34.30
CA ASN B 76 -18.11 -5.88 -33.87
C ASN B 76 -19.08 -5.81 -32.78
N TYR B 77 -19.67 -4.64 -32.60
CA TYR B 77 -20.66 -4.43 -31.54
C TYR B 77 -20.32 -5.05 -30.23
N ALA B 78 -19.21 -4.57 -29.72
CA ALA B 78 -18.50 -5.18 -28.63
C ALA B 78 -18.14 -4.18 -27.58
N TYR B 79 -18.32 -4.62 -26.35
CA TYR B 79 -18.30 -3.72 -25.17
C TYR B 79 -17.89 -4.57 -23.98
N ASN B 80 -16.67 -4.38 -23.51
CA ASN B 80 -16.11 -5.22 -22.43
C ASN B 80 -15.82 -4.45 -21.20
N TYR B 81 -16.25 -4.97 -20.06
CA TYR B 81 -15.93 -4.31 -18.78
C TYR B 81 -15.72 -5.29 -17.64
N SER B 82 -15.09 -4.76 -16.60
CA SER B 82 -14.67 -5.51 -15.44
C SER B 82 -15.19 -4.96 -14.13
N VAL B 83 -15.61 -5.85 -13.25
CA VAL B 83 -15.82 -5.51 -11.83
C VAL B 83 -14.42 -5.50 -11.27
N VAL B 84 -13.99 -4.37 -10.73
CA VAL B 84 -12.63 -4.26 -10.15
C VAL B 84 -12.58 -3.84 -8.69
N GLY B 85 -13.74 -3.72 -8.07
CA GLY B 85 -13.87 -3.61 -6.61
C GLY B 85 -15.28 -3.49 -6.11
N GLY B 86 -15.39 -3.42 -4.80
CA GLY B 86 -16.65 -3.19 -4.13
C GLY B 86 -17.28 -4.52 -3.81
N VAL B 87 -18.58 -4.48 -3.55
CA VAL B 87 -19.28 -5.62 -2.98
C VAL B 87 -19.48 -6.77 -3.98
N ALA B 88 -19.48 -6.46 -5.26
CA ALA B 88 -19.58 -7.49 -6.32
C ALA B 88 -18.30 -8.26 -6.63
N LEU B 89 -17.17 -7.86 -6.04
CA LEU B 89 -15.90 -8.60 -6.22
C LEU B 89 -15.57 -9.49 -5.02
N PRO B 90 -15.68 -10.83 -5.15
CA PRO B 90 -15.25 -11.72 -4.06
C PRO B 90 -13.79 -11.53 -3.67
N PRO B 91 -13.44 -11.89 -2.44
CA PRO B 91 -12.09 -11.54 -1.93
C PRO B 91 -10.92 -12.26 -2.60
N THR B 92 -11.16 -13.46 -3.11
CA THR B 92 -10.15 -14.22 -3.90
C THR B 92 -10.17 -13.90 -5.40
N ALA B 93 -10.95 -12.89 -5.78
CA ALA B 93 -11.00 -12.44 -7.16
C ALA B 93 -10.19 -11.19 -7.33
N GLU B 94 -9.36 -11.18 -8.35
CA GLU B 94 -8.64 -10.01 -8.77
C GLU B 94 -9.63 -9.11 -9.50
N LYS B 95 -10.34 -9.70 -10.44
CA LYS B 95 -11.36 -9.01 -11.18
C LYS B 95 -12.17 -10.03 -11.96
N ILE B 96 -13.34 -9.58 -12.40
CA ILE B 96 -14.26 -10.42 -13.17
C ILE B 96 -14.65 -9.64 -14.42
N THR B 97 -14.37 -10.22 -15.58
CA THR B 97 -14.54 -9.46 -16.83
C THR B 97 -15.76 -9.98 -17.54
N PHE B 98 -16.58 -9.04 -18.01
CA PHE B 98 -17.73 -9.37 -18.90
C PHE B 98 -17.53 -8.84 -20.28
N GLU B 99 -17.48 -9.77 -21.21
CA GLU B 99 -17.23 -9.47 -22.65
C GLU B 99 -18.48 -9.75 -23.43
N THR B 100 -18.88 -8.79 -24.25
CA THR B 100 -20.04 -8.96 -25.08
C THR B 100 -19.72 -8.67 -26.52
N LYS B 101 -20.26 -9.49 -27.40
CA LYS B 101 -20.07 -9.32 -28.82
C LYS B 101 -21.34 -9.67 -29.54
N LEU B 102 -21.82 -8.79 -30.43
CA LEU B 102 -23.10 -9.02 -31.13
C LEU B 102 -22.96 -9.08 -32.66
N VAL B 103 -23.74 -9.98 -33.26
CA VAL B 103 -23.92 -10.03 -34.70
C VAL B 103 -25.42 -10.00 -34.99
N GLU B 104 -25.77 -9.68 -36.24
CA GLU B 104 -27.15 -9.75 -36.67
C GLU B 104 -27.60 -11.22 -36.66
N GLY B 105 -28.76 -11.46 -36.06
CA GLY B 105 -29.36 -12.81 -36.10
C GLY B 105 -30.02 -13.03 -37.46
N PRO B 106 -30.61 -14.20 -37.70
CA PRO B 106 -31.29 -14.37 -38.97
C PRO B 106 -32.60 -13.51 -39.22
N ASN B 107 -33.35 -13.26 -38.16
CA ASN B 107 -34.78 -12.84 -38.29
C ASN B 107 -35.03 -11.56 -37.55
N GLY B 108 -34.13 -10.60 -37.81
CA GLY B 108 -34.18 -9.22 -37.34
C GLY B 108 -33.54 -8.86 -36.03
N GLY B 109 -32.93 -9.82 -35.33
CA GLY B 109 -32.43 -9.58 -33.98
C GLY B 109 -30.90 -9.61 -33.87
N SER B 110 -30.45 -9.97 -32.68
CA SER B 110 -29.04 -10.18 -32.43
C SER B 110 -28.80 -11.58 -31.91
N ILE B 111 -27.59 -12.05 -32.20
CA ILE B 111 -26.96 -13.11 -31.44
C ILE B 111 -25.76 -12.48 -30.69
N GLY B 112 -25.85 -12.52 -29.37
CA GLY B 112 -24.75 -12.15 -28.48
C GLY B 112 -23.85 -13.33 -28.17
N LYS B 113 -22.56 -13.12 -28.34
CA LYS B 113 -21.57 -14.02 -27.76
C LYS B 113 -21.18 -13.35 -26.43
N LEU B 114 -21.25 -14.13 -25.36
CA LEU B 114 -20.93 -13.66 -24.01
C LEU B 114 -19.72 -14.38 -23.46
N THR B 115 -18.82 -13.65 -22.80
CA THR B 115 -17.67 -14.30 -22.20
C THR B 115 -17.32 -13.74 -20.85
N LEU B 116 -17.17 -14.66 -19.90
CA LEU B 116 -16.94 -14.31 -18.51
C LEU B 116 -15.54 -14.78 -18.16
N LYS B 117 -14.70 -13.85 -17.76
CA LYS B 117 -13.36 -14.21 -17.34
C LYS B 117 -13.18 -13.88 -15.88
N TYR B 118 -13.07 -14.91 -15.09
CA TYR B 118 -12.90 -14.76 -13.64
C TYR B 118 -11.42 -14.84 -13.33
N HIS B 119 -10.84 -13.71 -12.94
CA HIS B 119 -9.37 -13.61 -12.72
C HIS B 119 -9.08 -13.77 -11.26
N THR B 120 -8.47 -14.88 -10.89
CA THR B 120 -8.11 -15.12 -9.48
C THR B 120 -6.76 -14.57 -9.09
N LYS B 121 -6.65 -14.17 -7.83
CA LYS B 121 -5.37 -13.77 -7.23
C LYS B 121 -4.46 -15.02 -7.05
N GLY B 122 -3.51 -15.18 -7.98
CA GLY B 122 -2.52 -16.26 -7.94
C GLY B 122 -3.07 -17.66 -8.06
N ASP B 123 -2.96 -18.41 -6.97
CA ASP B 123 -3.32 -19.84 -6.90
C ASP B 123 -4.80 -20.08 -6.60
N ALA B 124 -5.53 -19.04 -6.24
CA ALA B 124 -6.93 -19.15 -5.81
C ALA B 124 -7.88 -19.65 -6.91
N LYS B 125 -8.95 -20.30 -6.47
CA LYS B 125 -9.94 -20.83 -7.38
C LYS B 125 -11.26 -20.15 -7.11
N PRO B 126 -12.07 -19.98 -8.17
CA PRO B 126 -13.36 -19.39 -7.99
C PRO B 126 -14.23 -20.46 -7.33
N ASP B 127 -14.94 -20.11 -6.28
CA ASP B 127 -15.85 -21.08 -5.68
C ASP B 127 -16.86 -21.34 -6.77
N GLU B 128 -17.43 -22.54 -6.83
CA GLU B 128 -18.45 -22.81 -7.84
C GLU B 128 -19.56 -21.78 -7.68
N GLU B 129 -19.87 -21.46 -6.42
CA GLU B 129 -20.89 -20.45 -6.12
C GLU B 129 -20.61 -19.08 -6.78
N GLU B 130 -19.38 -18.59 -6.67
CA GLU B 130 -18.97 -17.29 -7.25
C GLU B 130 -18.97 -17.25 -8.78
N LEU B 131 -18.52 -18.34 -9.38
CA LEU B 131 -18.66 -18.53 -10.82
C LEU B 131 -20.11 -18.44 -11.27
N LYS B 132 -20.99 -19.14 -10.57
CA LYS B 132 -22.42 -19.10 -10.89
C LYS B 132 -22.95 -17.68 -10.79
N LYS B 133 -22.61 -17.01 -9.69
CA LYS B 133 -23.03 -15.62 -9.41
C LYS B 133 -22.63 -14.63 -10.49
N GLY B 134 -21.34 -14.64 -10.84
CA GLY B 134 -20.85 -13.80 -11.94
C GLY B 134 -21.65 -13.97 -13.24
N LYS B 135 -21.90 -15.21 -13.64
CA LYS B 135 -22.58 -15.46 -14.92
C LYS B 135 -24.04 -14.98 -14.90
N ALA B 136 -24.70 -15.15 -13.76
CA ALA B 136 -26.10 -14.73 -13.59
C ALA B 136 -26.23 -13.20 -13.62
N LYS B 137 -25.30 -12.53 -12.95
CA LYS B 137 -25.28 -11.04 -12.88
C LYS B 137 -24.99 -10.40 -14.22
N GLY B 138 -24.02 -10.97 -14.93
CA GLY B 138 -23.68 -10.54 -16.28
C GLY B 138 -24.82 -10.67 -17.28
N GLU B 139 -25.42 -11.84 -17.30
CA GLU B 139 -26.57 -12.11 -18.19
C GLU B 139 -27.82 -11.26 -17.87
N GLY B 140 -28.08 -11.06 -16.58
CA GLY B 140 -29.10 -10.13 -16.10
C GLY B 140 -28.89 -8.72 -16.58
N LEU B 141 -27.62 -8.30 -16.58
CA LEU B 141 -27.26 -6.94 -16.99
C LEU B 141 -27.63 -6.74 -18.45
N PHE B 142 -27.20 -7.68 -19.29
CA PHE B 142 -27.62 -7.72 -20.69
C PHE B 142 -29.17 -7.62 -20.84
N ARG B 143 -29.87 -8.41 -20.04
CA ARG B 143 -31.36 -8.39 -20.03
C ARG B 143 -31.97 -7.03 -19.55
N ALA B 144 -31.31 -6.39 -18.58
CA ALA B 144 -31.69 -5.04 -18.16
C ALA B 144 -31.58 -3.96 -19.26
N ILE B 145 -30.48 -3.94 -20.00
CA ILE B 145 -30.28 -3.03 -21.14
C ILE B 145 -31.26 -3.40 -22.27
N GLU B 146 -31.44 -4.71 -22.47
CA GLU B 146 -32.40 -5.26 -23.49
C GLU B 146 -33.80 -4.82 -23.17
N GLY B 147 -34.19 -4.99 -21.91
CA GLY B 147 -35.53 -4.51 -21.45
C GLY B 147 -35.81 -3.04 -21.75
N TYR B 148 -34.84 -2.18 -21.44
CA TYR B 148 -34.94 -0.74 -21.75
C TYR B 148 -35.14 -0.47 -23.22
N VAL B 149 -34.32 -1.11 -24.03
CA VAL B 149 -34.38 -0.87 -25.50
C VAL B 149 -35.72 -1.37 -26.05
N LEU B 150 -36.11 -2.56 -25.59
CA LEU B 150 -37.41 -3.14 -25.93
C LEU B 150 -38.53 -2.22 -25.58
N ALA B 151 -38.41 -1.58 -24.42
CA ALA B 151 -39.46 -0.68 -23.96
C ALA B 151 -39.38 0.71 -24.59
N ASN B 152 -38.21 1.08 -25.10
CA ASN B 152 -38.01 2.34 -25.88
C ASN B 152 -37.37 2.11 -27.31
N PRO B 153 -38.14 1.55 -28.25
CA PRO B 153 -37.56 1.16 -29.56
C PRO B 153 -36.91 2.28 -30.41
N THR B 154 -37.50 3.48 -30.35
CA THR B 154 -37.11 4.62 -31.22
C THR B 154 -35.80 5.29 -30.83
N GLN B 155 -35.44 5.14 -29.55
CA GLN B 155 -34.38 5.95 -28.93
C GLN B 155 -32.98 5.50 -29.31
N TYR B 156 -32.86 4.21 -29.64
CA TYR B 156 -31.60 3.64 -30.10
C TYR B 156 -31.78 3.20 -31.54
N GLY C 1 -18.80 22.22 -1.14
CA GLY C 1 -17.82 23.20 -0.60
C GLY C 1 -16.42 22.61 -0.62
N VAL C 2 -15.43 23.41 -0.31
CA VAL C 2 -14.05 22.91 -0.20
C VAL C 2 -13.48 23.41 1.10
N PHE C 3 -12.84 22.52 1.83
CA PHE C 3 -12.23 22.87 3.09
C PHE C 3 -10.79 22.59 2.90
N THR C 4 -9.96 23.55 3.26
CA THR C 4 -8.55 23.43 3.05
C THR C 4 -7.77 23.59 4.36
N PHE C 5 -6.82 22.66 4.53
CA PHE C 5 -5.96 22.58 5.73
C PHE C 5 -4.52 22.40 5.24
N GLU C 6 -3.61 22.92 6.05
CA GLU C 6 -2.17 22.82 5.80
C GLU C 6 -1.44 22.23 6.97
N ASP C 7 -0.48 21.39 6.65
CA ASP C 7 0.28 20.73 7.68
C ASP C 7 1.68 20.64 7.19
N GLU C 8 2.59 20.52 8.15
CA GLU C 8 4.00 20.35 7.88
C GLU C 8 4.59 19.26 8.74
N ILE C 9 5.60 18.62 8.18
CA ILE C 9 6.37 17.62 8.89
C ILE C 9 7.83 17.78 8.49
N THR C 10 8.71 17.38 9.41
CA THR C 10 10.17 17.48 9.28
C THR C 10 10.85 16.16 9.09
N SER C 11 11.99 16.19 8.42
CA SER C 11 12.87 15.04 8.30
C SER C 11 14.34 15.39 8.09
N THR C 12 15.15 14.47 8.55
CA THR C 12 16.61 14.48 8.43
C THR C 12 17.04 14.23 7.00
N VAL C 13 16.17 13.53 6.24
CA VAL C 13 16.52 13.15 4.87
C VAL C 13 16.43 14.33 3.89
N PRO C 14 17.45 14.52 3.02
CA PRO C 14 17.38 15.60 2.04
C PRO C 14 16.25 15.36 1.07
N PRO C 15 15.70 16.43 0.48
CA PRO C 15 14.46 16.29 -0.32
C PRO C 15 14.55 15.42 -1.53
N ALA C 16 15.67 15.49 -2.24
CA ALA C 16 15.83 14.65 -3.44
C ALA C 16 15.75 13.12 -3.12
N LYS C 17 16.47 12.69 -2.09
CA LYS C 17 16.42 11.25 -1.68
C LYS C 17 15.02 10.83 -1.24
N LEU C 18 14.43 11.65 -0.39
CA LEU C 18 13.10 11.37 0.10
C LEU C 18 12.08 11.31 -1.01
N TYR C 19 12.21 12.19 -1.99
CA TYR C 19 11.28 12.22 -3.14
C TYR C 19 11.44 10.96 -3.98
N ASN C 20 12.68 10.52 -4.18
CA ASN C 20 12.94 9.23 -4.89
C ASN C 20 12.40 8.02 -4.18
N ALA C 21 12.53 8.01 -2.87
CA ALA C 21 11.94 6.97 -2.02
C ALA C 21 10.40 6.96 -2.11
N MET C 22 9.83 8.15 -2.20
CA MET C 22 8.37 8.28 -2.36
C MET C 22 7.87 7.69 -3.67
N LYS C 23 8.69 7.71 -4.70
CA LYS C 23 8.30 7.07 -5.98
C LYS C 23 8.10 5.55 -5.87
N ASP C 24 8.78 4.95 -4.90
CA ASP C 24 8.65 3.50 -4.65
C ASP C 24 7.67 3.13 -3.48
N ALA C 25 6.85 4.09 -3.10
CA ALA C 25 5.91 3.93 -1.98
C ALA C 25 4.97 2.72 -2.09
N ASP C 26 4.48 2.44 -3.28
CA ASP C 26 3.63 1.27 -3.54
C ASP C 26 4.24 -0.04 -3.05
N SER C 27 5.54 -0.19 -3.20
CA SER C 27 6.23 -1.40 -2.75
C SER C 27 6.73 -1.28 -1.31
N ILE C 28 7.07 -0.07 -0.89
CA ILE C 28 7.58 0.20 0.44
C ILE C 28 6.51 0.09 1.52
N THR C 29 5.35 0.67 1.26
CA THR C 29 4.30 0.74 2.30
C THR C 29 3.84 -0.61 2.81
N PRO C 30 3.57 -1.60 1.93
CA PRO C 30 3.18 -2.91 2.47
C PRO C 30 4.27 -3.63 3.23
N LYS C 31 5.52 -3.27 2.98
CA LYS C 31 6.64 -3.79 3.80
C LYS C 31 6.60 -3.26 5.27
N ILE C 32 6.50 -1.95 5.41
CA ILE C 32 6.64 -1.29 6.72
C ILE C 32 5.35 -1.21 7.54
N ILE C 33 4.25 -0.88 6.90
CA ILE C 33 2.97 -0.63 7.59
C ILE C 33 2.14 -1.91 7.63
N ASP C 34 1.96 -2.45 8.83
CA ASP C 34 1.25 -3.73 9.03
C ASP C 34 -0.11 -3.83 8.40
N ASP C 35 -0.91 -2.80 8.57
CA ASP C 35 -2.30 -2.81 8.07
C ASP C 35 -2.39 -2.76 6.53
N VAL C 36 -1.35 -2.26 5.87
CA VAL C 36 -1.38 -2.23 4.43
C VAL C 36 -0.95 -3.58 3.89
N LYS C 37 -1.88 -4.31 3.32
CA LYS C 37 -1.59 -5.62 2.72
C LYS C 37 -1.03 -5.50 1.33
N SER C 38 -1.63 -4.63 0.52
CA SER C 38 -1.24 -4.49 -0.88
C SER C 38 -1.70 -3.18 -1.49
N VAL C 39 -0.96 -2.80 -2.51
CA VAL C 39 -1.29 -1.70 -3.39
C VAL C 39 -1.28 -2.25 -4.83
N GLU C 40 -2.45 -2.22 -5.47
CA GLU C 40 -2.63 -2.63 -6.88
C GLU C 40 -2.86 -1.40 -7.72
N ILE C 41 -2.32 -1.43 -8.92
CA ILE C 41 -2.60 -0.46 -9.90
C ILE C 41 -3.74 -1.05 -10.71
N VAL C 42 -4.91 -0.41 -10.64
CA VAL C 42 -6.10 -0.85 -11.37
C VAL C 42 -5.98 -0.43 -12.82
N GLU C 43 -5.51 0.78 -13.02
CA GLU C 43 -5.18 1.22 -14.37
C GLU C 43 -4.29 2.48 -14.35
N GLY C 44 -3.56 2.65 -15.44
CA GLY C 44 -2.63 3.76 -15.60
C GLY C 44 -1.16 3.38 -15.45
N ASN C 45 -0.33 4.37 -15.74
CA ASN C 45 1.14 4.19 -15.88
C ASN C 45 1.94 4.68 -14.67
N GLY C 46 1.22 5.02 -13.60
CA GLY C 46 1.76 5.67 -12.41
C GLY C 46 1.52 7.16 -12.46
N GLY C 47 1.43 7.72 -13.67
CA GLY C 47 1.23 9.14 -13.84
C GLY C 47 -0.23 9.53 -13.58
N PRO C 48 -0.56 10.79 -13.80
CA PRO C 48 -1.87 11.42 -13.53
C PRO C 48 -2.98 10.60 -14.10
N GLY C 49 -4.09 10.49 -13.37
CA GLY C 49 -5.20 9.60 -13.78
C GLY C 49 -5.07 8.15 -13.39
N THR C 50 -3.93 7.74 -12.85
CA THR C 50 -3.72 6.37 -12.40
C THR C 50 -4.59 6.07 -11.15
N ILE C 51 -5.19 4.90 -11.16
CA ILE C 51 -6.17 4.50 -10.16
C ILE C 51 -5.57 3.33 -9.43
N LYS C 52 -5.30 3.56 -8.15
CA LYS C 52 -4.78 2.55 -7.27
C LYS C 52 -5.81 2.08 -6.23
N LYS C 53 -5.68 0.81 -5.89
CA LYS C 53 -6.49 0.13 -4.91
C LYS C 53 -5.60 -0.34 -3.78
N LEU C 54 -5.83 0.20 -2.60
CA LEU C 54 -5.11 -0.18 -1.38
C LEU C 54 -5.93 -1.17 -0.62
N THR C 55 -5.30 -2.25 -0.22
CA THR C 55 -5.99 -3.25 0.57
C THR C 55 -5.47 -3.19 2.00
N ILE C 56 -6.42 -2.93 2.88
CA ILE C 56 -6.19 -2.65 4.27
C ILE C 56 -6.85 -3.73 5.12
N VAL C 57 -6.19 -4.08 6.22
CA VAL C 57 -6.80 -4.91 7.27
C VAL C 57 -6.83 -4.10 8.54
N GLU C 58 -8.01 -3.84 9.07
CA GLU C 58 -8.15 -3.24 10.41
C GLU C 58 -9.35 -3.81 11.17
N ASP C 59 -9.14 -4.10 12.45
CA ASP C 59 -10.05 -4.93 13.27
C ASP C 59 -10.21 -6.35 12.68
N GLY C 60 -9.12 -6.90 12.17
CA GLY C 60 -9.12 -8.22 11.52
C GLY C 60 -9.89 -8.35 10.21
N GLU C 61 -10.33 -7.23 9.63
CA GLU C 61 -11.11 -7.28 8.38
C GLU C 61 -10.63 -6.39 7.24
N THR C 62 -10.86 -6.93 6.05
CA THR C 62 -10.30 -6.42 4.84
C THR C 62 -11.16 -5.31 4.29
N LYS C 63 -10.50 -4.20 4.00
CA LYS C 63 -11.14 -3.03 3.40
C LYS C 63 -10.27 -2.49 2.29
N PHE C 64 -10.87 -1.63 1.47
CA PHE C 64 -10.21 -1.15 0.24
C PHE C 64 -10.26 0.34 0.28
N ILE C 65 -9.15 0.95 -0.10
CA ILE C 65 -9.10 2.39 -0.34
C ILE C 65 -8.76 2.62 -1.80
N LEU C 66 -9.44 3.58 -2.41
CA LEU C 66 -9.23 3.98 -3.80
C LEU C 66 -8.53 5.33 -3.93
N HIS C 67 -7.38 5.33 -4.61
CA HIS C 67 -6.61 6.53 -4.88
C HIS C 67 -6.59 6.84 -6.36
N LYS C 68 -6.63 8.11 -6.66
CA LYS C 68 -6.41 8.62 -8.00
C LYS C 68 -5.22 9.60 -7.98
N VAL C 69 -4.22 9.34 -8.81
CA VAL C 69 -3.11 10.31 -8.93
C VAL C 69 -3.60 11.54 -9.73
N GLU C 70 -3.37 12.73 -9.22
CA GLU C 70 -3.83 13.95 -9.87
C GLU C 70 -2.76 14.64 -10.74
N SER C 71 -1.59 14.84 -10.15
CA SER C 71 -0.46 15.44 -10.84
C SER C 71 0.84 15.04 -10.19
N ILE C 72 1.93 15.21 -10.93
CA ILE C 72 3.26 14.87 -10.46
C ILE C 72 4.15 16.00 -10.95
N ASP C 73 5.00 16.54 -10.09
CA ASP C 73 5.96 17.54 -10.53
C ASP C 73 7.29 17.27 -9.85
N GLU C 74 8.09 16.48 -10.54
CA GLU C 74 9.42 16.01 -10.08
C GLU C 74 10.42 17.14 -9.74
N ALA C 75 10.43 18.18 -10.54
CA ALA C 75 11.36 19.31 -10.29
C ALA C 75 11.13 19.96 -8.92
N ASN C 76 9.87 20.02 -8.51
CA ASN C 76 9.49 20.63 -7.22
C ASN C 76 9.13 19.63 -6.13
N TYR C 77 9.59 18.40 -6.29
CA TYR C 77 9.37 17.34 -5.29
C TYR C 77 7.90 17.28 -4.90
N ALA C 78 7.01 17.21 -5.90
CA ALA C 78 5.57 17.42 -5.68
C ALA C 78 4.74 16.29 -6.27
N TYR C 79 3.72 15.92 -5.51
CA TYR C 79 2.92 14.72 -5.82
C TYR C 79 1.52 14.91 -5.25
N ASN C 80 0.52 14.97 -6.12
CA ASN C 80 -0.85 15.15 -5.67
C ASN C 80 -1.70 13.96 -5.99
N TYR C 81 -2.45 13.51 -4.99
CA TYR C 81 -3.41 12.42 -5.21
C TYR C 81 -4.66 12.62 -4.39
N SER C 82 -5.67 11.86 -4.78
CA SER C 82 -6.98 11.90 -4.18
C SER C 82 -7.46 10.55 -3.71
N VAL C 83 -8.11 10.54 -2.56
CA VAL C 83 -8.99 9.42 -2.14
C VAL C 83 -10.22 9.65 -2.93
N VAL C 84 -10.59 8.67 -3.73
CA VAL C 84 -11.85 8.74 -4.52
C VAL C 84 -12.82 7.59 -4.30
N GLY C 85 -12.51 6.69 -3.38
CA GLY C 85 -13.48 5.73 -2.86
C GLY C 85 -12.95 4.83 -1.76
N GLY C 86 -13.84 3.98 -1.24
CA GLY C 86 -13.50 3.01 -0.21
C GLY C 86 -13.74 3.59 1.16
N VAL C 87 -13.12 2.97 2.14
CA VAL C 87 -13.42 3.27 3.55
C VAL C 87 -12.93 4.64 3.99
N ALA C 88 -11.89 5.15 3.34
CA ALA C 88 -11.34 6.45 3.69
C ALA C 88 -12.14 7.62 3.13
N LEU C 89 -13.15 7.36 2.31
CA LEU C 89 -13.98 8.44 1.77
C LEU C 89 -15.29 8.48 2.52
N PRO C 90 -15.42 9.44 3.43
CA PRO C 90 -16.69 9.54 4.14
C PRO C 90 -17.84 9.77 3.17
N PRO C 91 -19.05 9.40 3.55
CA PRO C 91 -20.20 9.44 2.63
C PRO C 91 -20.65 10.85 2.19
N THR C 92 -20.38 11.84 3.04
CA THR C 92 -20.58 13.26 2.71
C THR C 92 -19.37 13.95 2.02
N ALA C 93 -18.36 13.15 1.63
CA ALA C 93 -17.22 13.64 0.86
C ALA C 93 -17.29 13.23 -0.61
N GLU C 94 -17.03 14.18 -1.50
CA GLU C 94 -16.86 13.86 -2.96
C GLU C 94 -15.52 13.23 -3.18
N LYS C 95 -14.50 13.91 -2.66
CA LYS C 95 -13.13 13.39 -2.69
C LYS C 95 -12.30 14.24 -1.74
N ILE C 96 -11.14 13.70 -1.42
CA ILE C 96 -10.22 14.34 -0.53
C ILE C 96 -8.86 14.33 -1.22
N THR C 97 -8.31 15.52 -1.44
CA THR C 97 -7.07 15.65 -2.21
C THR C 97 -5.93 15.91 -1.28
N PHE C 98 -4.85 15.15 -1.43
CA PHE C 98 -3.56 15.44 -0.72
C PHE C 98 -2.60 16.00 -1.75
N GLU C 99 -2.20 17.24 -1.52
CA GLU C 99 -1.19 17.94 -2.31
C GLU C 99 0.10 17.92 -1.52
N THR C 100 1.15 17.37 -2.09
CA THR C 100 2.40 17.15 -1.37
C THR C 100 3.56 17.84 -2.01
N LYS C 101 4.42 18.34 -1.15
CA LYS C 101 5.62 19.05 -1.58
C LYS C 101 6.71 18.83 -0.57
N LEU C 102 7.93 18.70 -1.06
CA LEU C 102 9.11 18.71 -0.18
C LEU C 102 10.00 19.89 -0.55
N VAL C 103 10.51 20.56 0.46
CA VAL C 103 11.49 21.63 0.32
C VAL C 103 12.66 21.37 1.26
N GLU C 104 13.80 22.02 1.00
CA GLU C 104 14.97 21.85 1.87
C GLU C 104 14.65 22.47 3.21
N GLY C 105 14.93 21.74 4.27
CA GLY C 105 14.83 22.26 5.62
C GLY C 105 16.10 22.97 6.00
N PRO C 106 16.33 23.13 7.31
CA PRO C 106 17.27 24.18 7.71
C PRO C 106 18.74 23.76 7.63
N ASN C 107 18.99 22.48 7.90
CA ASN C 107 20.33 21.87 7.93
C ASN C 107 20.43 20.67 6.96
N GLY C 108 19.88 20.85 5.77
CA GLY C 108 19.92 19.83 4.72
C GLY C 108 19.08 18.58 5.04
N GLY C 109 17.97 18.79 5.71
CA GLY C 109 16.88 17.82 5.73
C GLY C 109 15.76 18.32 4.82
N SER C 110 14.54 17.85 5.08
CA SER C 110 13.35 18.30 4.36
C SER C 110 12.30 18.78 5.30
N ILE C 111 11.47 19.65 4.75
CA ILE C 111 10.17 19.94 5.30
C ILE C 111 9.17 19.44 4.27
N GLY C 112 8.38 18.47 4.68
CA GLY C 112 7.23 18.01 3.92
C GLY C 112 5.98 18.82 4.25
N LYS C 113 5.39 19.39 3.21
CA LYS C 113 4.24 20.26 3.27
C LYS C 113 3.06 19.52 2.67
N LEU C 114 1.96 19.45 3.43
CA LEU C 114 0.72 18.85 2.94
C LEU C 114 -0.33 19.94 2.81
N THR C 115 -1.03 19.97 1.68
CA THR C 115 -2.26 20.75 1.55
C THR C 115 -3.38 19.75 1.33
N LEU C 116 -4.40 19.86 2.18
CA LEU C 116 -5.50 18.92 2.19
C LEU C 116 -6.72 19.66 1.71
N LYS C 117 -7.32 19.16 0.63
CA LYS C 117 -8.54 19.76 0.12
C LYS C 117 -9.70 18.78 0.25
N TYR C 118 -10.57 19.05 1.21
CA TYR C 118 -11.68 18.19 1.49
C TYR C 118 -12.87 18.75 0.69
N HIS C 119 -13.28 18.03 -0.35
CA HIS C 119 -14.42 18.43 -1.17
C HIS C 119 -15.71 17.80 -0.67
N THR C 120 -16.62 18.61 -0.14
CA THR C 120 -17.95 18.12 0.31
C THR C 120 -19.05 18.22 -0.74
N LYS C 121 -19.98 17.28 -0.63
CA LYS C 121 -21.20 17.27 -1.45
C LYS C 121 -22.17 18.38 -0.99
N GLY C 122 -22.16 19.48 -1.74
CA GLY C 122 -23.03 20.64 -1.48
C GLY C 122 -22.81 21.34 -0.16
N ASP C 123 -23.80 21.21 0.73
CA ASP C 123 -23.88 21.91 2.04
C ASP C 123 -23.17 21.18 3.18
N ALA C 124 -22.76 19.95 2.92
CA ALA C 124 -22.16 19.10 3.95
C ALA C 124 -20.81 19.62 4.50
N LYS C 125 -20.53 19.25 5.75
CA LYS C 125 -19.29 19.62 6.46
C LYS C 125 -18.43 18.37 6.68
N PRO C 126 -17.09 18.54 6.74
CA PRO C 126 -16.23 17.40 7.02
C PRO C 126 -16.34 17.00 8.49
N ASP C 127 -16.29 15.70 8.79
CA ASP C 127 -16.26 15.26 10.19
C ASP C 127 -14.83 15.32 10.74
N GLU C 128 -14.72 15.90 11.93
CA GLU C 128 -13.44 16.07 12.57
C GLU C 128 -12.75 14.70 12.75
N GLU C 129 -13.52 13.69 13.12
CA GLU C 129 -12.96 12.35 13.33
C GLU C 129 -12.18 11.82 12.11
N GLU C 130 -12.74 11.97 10.90
CA GLU C 130 -12.09 11.51 9.65
C GLU C 130 -10.84 12.31 9.29
N LEU C 131 -10.90 13.62 9.51
CA LEU C 131 -9.73 14.48 9.39
C LEU C 131 -8.60 14.02 10.31
N LYS C 132 -8.93 13.75 11.56
CA LYS C 132 -7.95 13.28 12.54
C LYS C 132 -7.29 11.95 12.08
N LYS C 133 -8.13 11.03 11.60
CA LYS C 133 -7.69 9.75 11.04
C LYS C 133 -6.79 9.89 9.82
N GLY C 134 -7.22 10.69 8.84
CA GLY C 134 -6.44 11.01 7.62
C GLY C 134 -5.16 11.80 7.75
N LYS C 135 -4.94 12.32 8.95
CA LYS C 135 -3.72 13.03 9.29
C LYS C 135 -2.76 12.06 9.96
N ALA C 136 -3.29 11.19 10.83
CA ALA C 136 -2.47 10.18 11.52
C ALA C 136 -1.92 9.14 10.53
N LYS C 137 -2.78 8.73 9.60
CA LYS C 137 -2.40 7.76 8.56
C LYS C 137 -1.41 8.38 7.54
N GLY C 138 -1.67 9.63 7.14
CA GLY C 138 -0.80 10.38 6.22
C GLY C 138 0.58 10.59 6.82
N GLU C 139 0.65 11.03 8.06
CA GLU C 139 1.95 11.23 8.74
C GLU C 139 2.75 9.93 8.96
N GLY C 140 2.05 8.85 9.31
CA GLY C 140 2.63 7.50 9.35
C GLY C 140 3.24 7.07 8.02
N LEU C 141 2.55 7.41 6.94
CA LEU C 141 3.00 7.04 5.59
C LEU C 141 4.34 7.73 5.27
N PHE C 142 4.38 9.02 5.53
CA PHE C 142 5.61 9.80 5.45
C PHE C 142 6.75 9.20 6.29
N ARG C 143 6.42 8.79 7.50
CA ARG C 143 7.37 8.09 8.40
C ARG C 143 7.82 6.73 7.85
N ALA C 144 6.93 6.03 7.18
CA ALA C 144 7.26 4.73 6.59
C ALA C 144 8.31 4.86 5.47
N ILE C 145 8.14 5.85 4.61
CA ILE C 145 9.08 6.11 3.53
C ILE C 145 10.39 6.65 4.14
N GLU C 146 10.25 7.50 5.13
CA GLU C 146 11.42 8.05 5.82
C GLU C 146 12.22 6.96 6.54
N GLY C 147 11.52 6.13 7.29
CA GLY C 147 12.10 5.08 8.11
C GLY C 147 12.82 4.15 7.18
N TYR C 148 12.20 3.93 6.02
CA TYR C 148 12.74 3.04 5.01
C TYR C 148 14.05 3.54 4.47
N VAL C 149 14.09 4.81 4.07
CA VAL C 149 15.31 5.42 3.54
C VAL C 149 16.39 5.42 4.58
N LEU C 150 16.02 5.84 5.78
CA LEU C 150 16.94 5.88 6.91
C LEU C 150 17.50 4.48 7.22
N ALA C 151 16.65 3.47 7.08
CA ALA C 151 17.06 2.06 7.34
C ALA C 151 17.79 1.37 6.17
N ASN C 152 17.64 1.91 4.97
CA ASN C 152 18.39 1.46 3.77
C ASN C 152 19.25 2.59 3.13
N PRO C 153 20.38 2.96 3.77
CA PRO C 153 21.12 4.17 3.35
C PRO C 153 21.68 4.17 1.91
N THR C 154 22.09 2.99 1.45
CA THR C 154 22.80 2.82 0.16
C THR C 154 21.90 2.93 -1.06
N GLN C 155 20.61 2.70 -0.85
CA GLN C 155 19.64 2.55 -1.92
C GLN C 155 19.20 3.88 -2.53
N TYR C 156 19.19 4.93 -1.72
CA TYR C 156 18.83 6.28 -2.20
C TYR C 156 19.95 7.28 -1.88
C1 QUE D . 22.59 -5.90 10.43
C2 QUE D . 22.60 -5.88 9.03
C3 QUE D . 23.91 -5.94 8.32
C4 QUE D . 25.14 -6.01 9.15
C5 QUE D . 25.03 -6.02 10.55
C6 QUE D . 23.79 -5.97 11.18
C9 QUE D . 24.05 -5.93 6.83
C10 QUE D . 25.43 -5.98 6.25
C11 QUE D . 26.61 -6.05 7.20
C14 QUE D . 28.04 -6.14 6.77
C15 QUE D . 29.04 -5.67 7.66
C16 QUE D . 30.38 -5.73 7.32
C17 QUE D . 30.78 -6.27 6.10
C18 QUE D . 29.73 -6.78 5.17
C19 QUE D . 28.40 -6.70 5.54
O12 QUE D . 26.38 -6.06 8.57
O13 QUE D . 23.05 -5.86 6.07
O23 QUE D . 30.06 -7.31 3.95
O24 QUE D . 32.09 -6.34 5.76
O27 QUE D . 25.59 -5.97 4.89
O29 QUE D . 23.75 -5.99 12.54
O30 QUE D . 21.45 -5.80 8.33
C1 QUE E . -2.69 5.35 3.22
C2 QUE E . -2.83 4.44 4.26
C3 QUE E . -4.12 4.38 5.00
C4 QUE E . -5.20 5.32 4.59
C5 QUE E . -4.96 6.19 3.53
C6 QUE E . -3.74 6.20 2.87
C9 QUE E . -4.39 3.46 6.13
C10 QUE E . -5.73 3.50 6.79
C11 QUE E . -6.75 4.48 6.27
C14 QUE E . -8.13 4.69 6.82
C15 QUE E . -8.61 6.01 6.89
C16 QUE E . -9.88 6.32 7.38
C17 QUE E . -10.71 5.31 7.83
C18 QUE E . -10.23 3.92 7.75
C19 QUE E . -8.95 3.63 7.25
O12 QUE E . -6.42 5.32 5.22
O13 QUE E . -3.49 2.67 6.50
O23 QUE E . -11.04 2.92 8.18
O24 QUE E . -11.96 5.60 8.31
O27 QUE E . -5.99 2.65 7.82
O29 QUE E . -3.57 7.08 1.85
O30 QUE E . -1.82 3.61 4.61
C2 BGC F . 4.70 8.29 -5.48
C3 BGC F . 5.29 9.37 -6.41
C4 BGC F . 5.70 8.85 -7.79
C5 BGC F . 4.86 7.70 -8.34
C6 BGC F . 5.55 6.96 -9.50
C1 BGC F . 3.81 7.31 -6.25
O1 BGC F . 3.30 6.29 -5.39
O2 BGC F . 4.00 8.88 -4.36
O3 BGC F . 6.40 10.05 -5.81
O4 BGC F . 5.68 9.96 -8.70
O5 BGC F . 4.58 6.75 -7.31
O6 BGC F . 5.01 5.66 -9.70
#